data_7C6P
#
_entry.id   7C6P
#
_cell.length_a   33.590
_cell.length_b   63.010
_cell.length_c   70.500
_cell.angle_alpha   90.000
_cell.angle_beta   90.000
_cell.angle_gamma   90.000
#
_symmetry.space_group_name_H-M   'P 2 21 21'
#
loop_
_entity.id
_entity.type
_entity.pdbx_description
1 polymer 'Bromodomain-containing protein 4'
2 non-polymer 2-[3,4-bis(oxidanyl)phenyl]-7,8-bis(oxidanyl)chromen-4-one
3 water water
#
_entity_poly.entity_id   1
_entity_poly.type   'polypeptide(L)'
_entity_poly.pdbx_seq_one_letter_code
;SHMEQLKCCSGILKEMFAKKHAAYAWPFYKPVDVEALGLHDYCDIIKHPMDMSTIKSKLEAREYRDAQEFGADVRLMFSN
CYKYNPPDHEVVAMARKLQDVFEMRFAKM
;
_entity_poly.pdbx_strand_id   A
#
loop_
_chem_comp.id
_chem_comp.type
_chem_comp.name
_chem_comp.formula
SQH non-polymer 2-[3,4-bis(oxidanyl)phenyl]-7,8-bis(oxidanyl)chromen-4-one 'C15 H10 O6'
#
# COMPACT_ATOMS: atom_id res chain seq x y z
N GLN A 5 -10.23 -16.26 -4.59
CA GLN A 5 -9.96 -14.83 -4.59
C GLN A 5 -8.85 -14.47 -3.61
N LEU A 6 -8.93 -15.02 -2.39
CA LEU A 6 -7.93 -14.70 -1.37
C LEU A 6 -6.58 -15.32 -1.71
N LYS A 7 -6.58 -16.44 -2.45
CA LYS A 7 -5.33 -16.94 -3.01
C LYS A 7 -4.81 -15.99 -4.10
N CYS A 8 -5.70 -15.41 -4.90
CA CYS A 8 -5.27 -14.40 -5.86
C CYS A 8 -4.73 -13.16 -5.13
N CYS A 9 -5.22 -12.89 -3.93
CA CYS A 9 -4.72 -11.76 -3.15
C CYS A 9 -3.29 -12.00 -2.69
N SER A 10 -2.97 -13.24 -2.31
CA SER A 10 -1.59 -13.55 -1.94
C SER A 10 -0.63 -13.33 -3.12
N GLY A 11 -1.05 -13.70 -4.33
CA GLY A 11 -0.21 -13.48 -5.49
C GLY A 11 -0.04 -12.01 -5.83
N ILE A 12 -1.06 -11.20 -5.56
CA ILE A 12 -0.94 -9.75 -5.77
C ILE A 12 0.15 -9.18 -4.85
N LEU A 13 0.16 -9.63 -3.60
CA LEU A 13 1.19 -9.16 -2.67
C LEU A 13 2.57 -9.63 -3.11
N LYS A 14 2.68 -10.88 -3.58
CA LYS A 14 3.97 -11.37 -4.06
C LYS A 14 4.50 -10.50 -5.19
N GLU A 15 3.63 -10.04 -6.09
CA GLU A 15 4.09 -9.18 -7.17
C GLU A 15 4.53 -7.83 -6.63
N MET A 16 3.74 -7.24 -5.71
CA MET A 16 4.08 -5.92 -5.20
C MET A 16 5.36 -5.94 -4.38
N PHE A 17 5.70 -7.08 -3.77
CA PHE A 17 6.95 -7.24 -3.03
C PHE A 17 8.14 -7.65 -3.91
N ALA A 18 7.93 -7.93 -5.19
CA ALA A 18 8.97 -8.53 -6.01
C ALA A 18 10.06 -7.53 -6.38
N LYS A 19 11.24 -8.08 -6.69
CA LYS A 19 12.42 -7.24 -6.96
C LYS A 19 12.21 -6.29 -8.13
N LYS A 20 11.42 -6.69 -9.15
CA LYS A 20 11.20 -5.85 -10.33
C LYS A 20 10.63 -4.48 -9.95
N HIS A 21 9.84 -4.41 -8.88
CA HIS A 21 9.19 -3.18 -8.47
C HIS A 21 9.83 -2.51 -7.25
N ALA A 22 10.91 -3.07 -6.72
CA ALA A 22 11.43 -2.60 -5.42
C ALA A 22 11.92 -1.16 -5.47
N ALA A 23 12.26 -0.63 -6.65
CA ALA A 23 12.80 0.73 -6.75
C ALA A 23 11.75 1.78 -6.41
N TYR A 24 10.48 1.47 -6.60
CA TYR A 24 9.40 2.36 -6.19
C TYR A 24 8.47 1.79 -5.14
N ALA A 25 8.52 0.48 -4.88
CA ALA A 25 7.61 -0.07 -3.89
C ALA A 25 8.13 0.04 -2.46
N TRP A 26 9.44 0.22 -2.28
CA TRP A 26 10.02 0.06 -0.94
C TRP A 26 9.43 0.98 0.13
N PRO A 27 8.98 2.20 -0.14
CA PRO A 27 8.36 2.99 0.93
C PRO A 27 7.13 2.34 1.51
N PHE A 28 6.48 1.44 0.77
CA PHE A 28 5.20 0.89 1.18
C PHE A 28 5.34 -0.49 1.81
N TYR A 29 6.56 -0.97 1.96
CA TYR A 29 6.78 -2.29 2.57
C TYR A 29 6.34 -2.32 4.02
N LYS A 30 6.63 -1.26 4.78
CA LYS A 30 6.47 -1.20 6.23
C LYS A 30 5.71 0.05 6.62
N PRO A 31 5.15 0.08 7.83
CA PRO A 31 4.48 1.30 8.29
C PRO A 31 5.39 2.52 8.20
N VAL A 32 4.81 3.66 7.82
CA VAL A 32 5.51 4.93 7.84
C VAL A 32 6.09 5.14 9.24
N ASP A 33 7.40 5.36 9.32
CA ASP A 33 8.06 5.57 10.61
C ASP A 33 8.00 7.05 10.96
N VAL A 34 6.88 7.46 11.54
CA VAL A 34 6.63 8.89 11.77
C VAL A 34 7.68 9.49 12.69
N GLU A 35 8.08 8.75 13.73
CA GLU A 35 9.05 9.28 14.69
C GLU A 35 10.42 9.49 14.04
N ALA A 36 10.87 8.54 13.24
CA ALA A 36 12.20 8.66 12.65
C ALA A 36 12.26 9.70 11.54
N LEU A 37 11.15 9.92 10.85
CA LEU A 37 11.08 10.88 9.75
C LEU A 37 10.60 12.27 10.17
N GLY A 38 10.19 12.44 11.43
CA GLY A 38 9.71 13.73 11.89
C GLY A 38 8.35 14.13 11.34
N LEU A 39 7.50 13.16 11.00
CA LEU A 39 6.18 13.44 10.43
C LEU A 39 5.12 13.49 11.52
N HIS A 40 5.28 14.45 12.42
CA HIS A 40 4.45 14.55 13.61
C HIS A 40 3.04 15.05 13.32
N ASP A 41 2.75 15.44 12.08
CA ASP A 41 1.39 15.78 11.65
C ASP A 41 0.72 14.62 10.93
N TYR A 42 1.45 13.51 10.69
CA TYR A 42 0.91 12.43 9.87
C TYR A 42 -0.38 11.84 10.45
N CYS A 43 -0.40 11.64 11.78
N CYS A 43 -0.41 11.63 11.77
CA CYS A 43 -1.58 11.03 12.41
CA CYS A 43 -1.58 11.02 12.39
C CYS A 43 -2.78 11.97 12.38
C CYS A 43 -2.76 11.97 12.53
N ASP A 44 -2.54 13.27 12.32
CA ASP A 44 -3.64 14.22 12.24
C ASP A 44 -4.33 14.18 10.89
N ILE A 45 -3.58 13.84 9.84
CA ILE A 45 -4.07 13.89 8.47
C ILE A 45 -4.54 12.51 8.01
N ILE A 46 -3.81 11.47 8.38
CA ILE A 46 -4.04 10.11 7.93
C ILE A 46 -4.72 9.39 9.08
N LYS A 47 -6.03 9.17 8.96
CA LYS A 47 -6.77 8.56 10.05
C LYS A 47 -6.48 7.07 10.17
N HIS A 48 -6.11 6.40 9.07
CA HIS A 48 -5.95 4.95 9.05
C HIS A 48 -4.69 4.59 8.27
N PRO A 49 -3.53 4.56 8.93
CA PRO A 49 -2.30 4.18 8.23
C PRO A 49 -2.37 2.74 7.75
N MET A 50 -1.70 2.47 6.64
CA MET A 50 -1.73 1.11 6.10
C MET A 50 -0.48 0.90 5.26
N ASP A 51 0.02 -0.34 5.23
CA ASP A 51 1.21 -0.68 4.48
C ASP A 51 1.13 -2.14 4.06
N MET A 52 2.08 -2.56 3.21
CA MET A 52 2.03 -3.91 2.63
C MET A 52 2.29 -5.00 3.67
N SER A 53 3.15 -4.76 4.66
CA SER A 53 3.40 -5.80 5.66
C SER A 53 2.20 -5.98 6.57
N THR A 54 1.50 -4.90 6.90
CA THR A 54 0.27 -5.01 7.67
C THR A 54 -0.80 -5.72 6.86
N ILE A 55 -0.91 -5.40 5.56
CA ILE A 55 -1.87 -6.08 4.70
C ILE A 55 -1.56 -7.56 4.63
N LYS A 56 -0.27 -7.90 4.53
CA LYS A 56 0.10 -9.32 4.45
C LYS A 56 -0.28 -10.05 5.74
N SER A 57 -0.06 -9.41 6.89
CA SER A 57 -0.43 -10.05 8.16
C SER A 57 -1.94 -10.19 8.30
N LYS A 58 -2.69 -9.19 7.85
CA LYS A 58 -4.15 -9.28 7.90
C LYS A 58 -4.66 -10.40 7.01
N LEU A 59 -4.06 -10.55 5.83
CA LEU A 59 -4.44 -11.64 4.91
C LEU A 59 -4.21 -12.99 5.56
N GLU A 60 -3.03 -13.19 6.13
CA GLU A 60 -2.70 -14.47 6.73
C GLU A 60 -3.54 -14.75 7.97
N ALA A 61 -3.95 -13.72 8.69
CA ALA A 61 -4.83 -13.86 9.83
C ALA A 61 -6.31 -13.89 9.43
N ARG A 62 -6.60 -13.98 8.13
CA ARG A 62 -7.96 -14.09 7.59
C ARG A 62 -8.84 -12.92 8.02
N GLU A 63 -8.29 -11.70 7.95
CA GLU A 63 -9.05 -10.51 8.28
C GLU A 63 -9.79 -9.93 7.09
N TYR A 64 -9.63 -10.48 5.89
CA TYR A 64 -10.34 -10.03 4.71
C TYR A 64 -11.37 -11.08 4.32
N ARG A 65 -12.63 -10.67 4.20
CA ARG A 65 -13.68 -11.61 3.82
C ARG A 65 -13.60 -11.97 2.34
N ASP A 66 -13.07 -11.06 1.53
CA ASP A 66 -13.06 -11.26 0.09
C ASP A 66 -12.00 -10.34 -0.50
N ALA A 67 -11.84 -10.41 -1.82
CA ALA A 67 -10.80 -9.64 -2.48
C ALA A 67 -11.08 -8.14 -2.44
N GLN A 68 -12.35 -7.75 -2.34
CA GLN A 68 -12.65 -6.32 -2.30
C GLN A 68 -12.20 -5.70 -0.98
N GLU A 69 -12.33 -6.43 0.12
CA GLU A 69 -11.82 -5.91 1.39
C GLU A 69 -10.30 -5.82 1.37
N PHE A 70 -9.64 -6.81 0.77
CA PHE A 70 -8.20 -6.74 0.57
C PHE A 70 -7.84 -5.53 -0.29
N GLY A 71 -8.54 -5.36 -1.43
CA GLY A 71 -8.22 -4.28 -2.33
C GLY A 71 -8.42 -2.91 -1.68
N ALA A 72 -9.38 -2.80 -0.78
CA ALA A 72 -9.62 -1.52 -0.10
C ALA A 72 -8.43 -1.12 0.76
N ASP A 73 -7.79 -2.09 1.42
CA ASP A 73 -6.61 -1.75 2.23
C ASP A 73 -5.43 -1.37 1.34
N VAL A 74 -5.25 -2.04 0.20
CA VAL A 74 -4.20 -1.64 -0.73
C VAL A 74 -4.43 -0.20 -1.20
N ARG A 75 -5.65 0.10 -1.63
CA ARG A 75 -5.92 1.45 -2.13
C ARG A 75 -5.89 2.49 -1.01
N LEU A 76 -6.27 2.11 0.21
CA LEU A 76 -6.09 2.99 1.36
C LEU A 76 -4.63 3.43 1.48
N MET A 77 -3.72 2.48 1.29
CA MET A 77 -2.30 2.76 1.34
C MET A 77 -1.91 3.85 0.32
N PHE A 78 -2.36 3.72 -0.93
CA PHE A 78 -2.06 4.74 -1.93
C PHE A 78 -2.73 6.06 -1.59
N SER A 79 -3.99 6.00 -1.17
CA SER A 79 -4.74 7.23 -0.91
C SER A 79 -4.12 8.02 0.23
N ASN A 80 -3.56 7.33 1.24
CA ASN A 80 -2.84 8.02 2.31
C ASN A 80 -1.67 8.81 1.74
N CYS A 81 -0.91 8.20 0.82
CA CYS A 81 0.22 8.91 0.20
C CYS A 81 -0.26 10.11 -0.59
N TYR A 82 -1.33 9.95 -1.37
CA TYR A 82 -1.82 11.06 -2.17
C TYR A 82 -2.39 12.17 -1.31
N LYS A 83 -2.91 11.81 -0.14
CA LYS A 83 -3.51 12.82 0.73
C LYS A 83 -2.44 13.63 1.47
N TYR A 84 -1.38 12.96 1.92
CA TYR A 84 -0.45 13.61 2.86
C TYR A 84 0.52 14.54 2.15
N ASN A 85 0.92 14.21 0.93
CA ASN A 85 2.05 14.85 0.27
C ASN A 85 1.60 15.83 -0.81
N PRO A 86 2.45 16.81 -1.13
CA PRO A 86 2.19 17.61 -2.32
C PRO A 86 2.26 16.74 -3.56
N PRO A 87 1.48 17.06 -4.59
CA PRO A 87 1.37 16.16 -5.75
C PRO A 87 2.67 15.95 -6.51
N ASP A 88 3.62 16.87 -6.41
CA ASP A 88 4.88 16.71 -7.12
C ASP A 88 5.95 16.00 -6.29
N HIS A 89 5.62 15.54 -5.09
CA HIS A 89 6.58 14.81 -4.27
C HIS A 89 6.94 13.50 -4.95
N GLU A 90 8.23 13.14 -4.87
CA GLU A 90 8.70 11.90 -5.48
C GLU A 90 7.98 10.68 -4.91
N VAL A 91 7.59 10.69 -3.64
CA VAL A 91 6.94 9.52 -3.08
C VAL A 91 5.57 9.31 -3.72
N VAL A 92 4.93 10.38 -4.19
CA VAL A 92 3.63 10.24 -4.84
C VAL A 92 3.79 9.54 -6.18
N ALA A 93 4.84 9.90 -6.93
CA ALA A 93 5.13 9.20 -8.19
C ALA A 93 5.38 7.72 -7.93
N MET A 94 6.06 7.40 -6.83
CA MET A 94 6.33 6.00 -6.54
C MET A 94 5.04 5.26 -6.20
N ALA A 95 4.16 5.90 -5.43
CA ALA A 95 2.88 5.27 -5.13
C ALA A 95 2.10 5.01 -6.41
N ARG A 96 2.07 5.97 -7.34
CA ARG A 96 1.35 5.76 -8.60
C ARG A 96 1.93 4.61 -9.40
N LYS A 97 3.26 4.49 -9.43
CA LYS A 97 3.87 3.38 -10.17
C LYS A 97 3.49 2.03 -9.57
N LEU A 98 3.46 1.95 -8.24
CA LEU A 98 3.05 0.71 -7.59
C LEU A 98 1.56 0.46 -7.75
N GLN A 99 0.75 1.52 -7.74
CA GLN A 99 -0.68 1.34 -8.00
C GLN A 99 -0.92 0.83 -9.41
N ASP A 100 -0.07 1.19 -10.37
N ASP A 100 -0.08 1.22 -10.38
CA ASP A 100 -0.20 0.65 -11.72
CA ASP A 100 -0.17 0.66 -11.72
C ASP A 100 -0.04 -0.86 -11.72
C ASP A 100 -0.07 -0.87 -11.67
N VAL A 101 0.91 -1.37 -10.94
CA VAL A 101 1.11 -2.81 -10.84
C VAL A 101 -0.09 -3.48 -10.18
N PHE A 102 -0.54 -2.91 -9.07
CA PHE A 102 -1.68 -3.47 -8.35
C PHE A 102 -2.94 -3.48 -9.20
N GLU A 103 -3.25 -2.36 -9.86
CA GLU A 103 -4.53 -2.29 -10.55
C GLU A 103 -4.57 -3.24 -11.74
N MET A 104 -3.45 -3.39 -12.44
CA MET A 104 -3.41 -4.33 -13.56
C MET A 104 -3.62 -5.77 -13.08
N ARG A 105 -3.07 -6.13 -11.92
CA ARG A 105 -3.25 -7.49 -11.42
C ARG A 105 -4.64 -7.70 -10.82
N PHE A 106 -5.13 -6.71 -10.08
CA PHE A 106 -6.44 -6.79 -9.45
C PHE A 106 -7.53 -6.91 -10.51
N ALA A 107 -7.34 -6.24 -11.65
CA ALA A 107 -8.32 -6.32 -12.75
C ALA A 107 -8.43 -7.72 -13.34
N LYS A 108 -7.40 -8.56 -13.20
CA LYS A 108 -7.40 -9.86 -13.88
C LYS A 108 -8.09 -10.97 -13.10
N MET A 109 -8.48 -10.73 -11.84
CA MET A 109 -9.02 -11.84 -11.06
C MET A 109 -10.49 -12.14 -11.37
C1 SQH B . 7.69 7.02 3.78
C10 SQH B . 5.58 10.65 2.93
C11 SQH B . 6.88 10.61 3.46
C13 SQH B . 7.66 11.80 3.79
C14 SQH B . 7.19 13.08 3.53
C15 SQH B . 7.98 14.16 3.87
C16 SQH B . 9.31 13.92 4.50
C17 SQH B . 9.73 12.63 4.75
C18 SQH B . 8.90 11.58 4.38
C2 SQH B . 6.94 8.24 3.48
C3 SQH B . 5.58 8.16 2.91
C4 SQH B . 5.01 6.90 2.66
C5 SQH B . 5.74 5.73 2.95
C6 SQH B . 7.03 5.73 3.50
C9 SQH B . 4.91 9.47 2.64
O12 SQH B . 7.52 9.43 3.73
O19 SQH B . 7.56 15.43 3.63
O20 SQH B . 10.09 14.97 4.84
O21 SQH B . 3.75 9.52 2.16
O7 SQH B . 7.70 4.60 3.78
O8 SQH B . 8.94 7.10 4.31
#